data_2XD6
#
_entry.id   2XD6
#
_cell.length_a   73.767
_cell.length_b   73.767
_cell.length_c   110.284
_cell.angle_alpha   90.00
_cell.angle_beta   90.00
_cell.angle_gamma   90.00
#
_symmetry.space_group_name_H-M   'P 43 2 2'
#
loop_
_entity.id
_entity.type
_entity.pdbx_description
1 polymer 'ATP-DEPENDENT MOLECULAR CHAPERONE HSP82'
2 non-polymer (5Z)-13-CHLORO-14,16-DIHYDROXY-1,11-DIOXO-3,4,7,8,9,10,11,12-OCTAHYDRO-1H-2-BENZOXACYCLOTETRADECINE-6-CARBALDEHYDE
3 non-polymer GLYCEROL
4 water water
#
_entity_poly.entity_id   1
_entity_poly.type   'polypeptide(L)'
_entity_poly.pdbx_seq_one_letter_code
;MASETFEFQAEITQLMSLIINTVYSNKEIFLRELISNASDALDKIRYKSLSDPKQLETEPDLFIRITPKPEQKVLEIRDS
GIGMTKAELINNLGTIAKSGTKAFMEALSAGADVSMIGQFGVGFYSLFLVADRVQVISKSNDDEQYIWESNAGGSFTVTL
DEVNERIGRGTILRLFLKDDQLEYLEEKRIKEVIKRHSEFVAYPIQLVVTKEVE
;
_entity_poly.pdbx_strand_id   A
#
loop_
_chem_comp.id
_chem_comp.type
_chem_comp.name
_chem_comp.formula
GOL non-polymer GLYCEROL 'C3 H8 O3'
XD6 non-polymer (5Z)-13-CHLORO-14,16-DIHYDROXY-1,11-DIOXO-3,4,7,8,9,10,11,12-OCTAHYDRO-1H-2-BENZOXACYCLOTETRADECINE-6-CARBALDEHYDE 'C18 H19 Cl O6'
#
# COMPACT_ATOMS: atom_id res chain seq x y z
N MET A 1 21.92 5.04 9.34
CA MET A 1 21.54 3.69 8.93
C MET A 1 21.54 3.54 7.41
N ALA A 2 22.31 2.57 6.92
CA ALA A 2 22.57 2.41 5.49
C ALA A 2 21.45 1.71 4.74
N SER A 3 21.00 2.33 3.65
CA SER A 3 20.05 1.72 2.72
C SER A 3 20.72 0.64 1.88
N GLU A 4 19.96 -0.37 1.47
CA GLU A 4 20.37 -1.28 0.42
C GLU A 4 19.54 -1.03 -0.83
N THR A 5 20.16 -1.11 -2.00
CA THR A 5 19.46 -0.87 -3.25
C THR A 5 19.25 -2.18 -4.01
N PHE A 6 18.06 -2.34 -4.59
CA PHE A 6 17.69 -3.54 -5.34
C PHE A 6 17.09 -3.14 -6.68
N GLU A 7 17.17 -4.03 -7.66
CA GLU A 7 16.60 -3.75 -8.97
C GLU A 7 15.23 -4.38 -9.06
N PHE A 8 14.28 -3.68 -9.68
CA PHE A 8 12.95 -4.24 -9.91
C PHE A 8 13.07 -5.27 -11.03
N GLN A 9 12.28 -6.34 -10.97
CA GLN A 9 12.07 -7.16 -12.14
C GLN A 9 11.59 -6.23 -13.25
N ALA A 10 12.10 -6.40 -14.48
CA ALA A 10 11.84 -5.45 -15.57
C ALA A 10 10.36 -5.18 -15.88
N GLU A 11 9.52 -6.20 -15.83
CA GLU A 11 8.10 -6.02 -16.11
C GLU A 11 7.40 -5.16 -15.06
N ILE A 12 7.89 -5.18 -13.84
CA ILE A 12 7.33 -4.33 -12.79
C ILE A 12 7.68 -2.89 -13.11
N THR A 13 8.93 -2.65 -13.48
CA THR A 13 9.33 -1.31 -13.92
C THR A 13 8.46 -0.79 -15.08
N GLN A 14 8.15 -1.67 -16.04
CA GLN A 14 7.30 -1.28 -17.17
C GLN A 14 5.90 -0.94 -16.67
N LEU A 15 5.36 -1.76 -15.78
CA LEU A 15 4.03 -1.51 -15.25
C LEU A 15 3.96 -0.17 -14.52
N MET A 16 4.92 0.10 -13.64
CA MET A 16 4.93 1.36 -12.91
C MET A 16 4.95 2.55 -13.85
N SER A 17 5.72 2.42 -14.93
CA SER A 17 5.83 3.49 -15.92
C SER A 17 4.49 3.72 -16.62
N LEU A 18 3.86 2.65 -17.09
CA LEU A 18 2.53 2.72 -17.65
C LEU A 18 1.62 3.48 -16.70
N ILE A 19 1.63 3.09 -15.43
CA ILE A 19 0.68 3.63 -14.47
C ILE A 19 0.96 5.07 -14.06
N ILE A 20 2.22 5.40 -13.79
CA ILE A 20 2.51 6.74 -13.29
C ILE A 20 2.34 7.81 -14.38
N ASN A 21 2.39 7.38 -15.65
CA ASN A 21 2.26 8.30 -16.76
C ASN A 21 0.85 8.36 -17.36
N THR A 22 0.04 7.35 -17.07
CA THR A 22 -1.28 7.26 -17.68
C THR A 22 -2.16 8.46 -17.30
N VAL A 23 -2.90 8.96 -18.28
CA VAL A 23 -3.90 10.00 -18.03
C VAL A 23 -5.26 9.37 -17.72
N TYR A 24 -5.26 8.09 -17.37
CA TYR A 24 -6.50 7.40 -16.98
C TYR A 24 -7.37 8.28 -16.07
N SER A 25 -8.68 8.12 -16.19
CA SER A 25 -9.61 9.06 -15.60
C SER A 25 -9.94 8.80 -14.13
N ASN A 26 -10.07 7.52 -13.75
CA ASN A 26 -10.55 7.17 -12.42
C ASN A 26 -9.41 6.83 -11.46
N LYS A 27 -8.57 7.82 -11.16
CA LYS A 27 -7.40 7.60 -10.31
C LYS A 27 -7.77 7.12 -8.90
N GLU A 28 -8.99 7.42 -8.46
CA GLU A 28 -9.45 7.09 -7.11
C GLU A 28 -9.50 5.60 -6.80
N ILE A 29 -9.41 4.77 -7.84
CA ILE A 29 -9.46 3.32 -7.66
C ILE A 29 -8.30 2.80 -6.81
N PHE A 30 -7.22 3.57 -6.70
CA PHE A 30 -6.06 3.15 -5.91
C PHE A 30 -6.45 2.83 -4.46
N LEU A 31 -7.39 3.58 -3.90
CA LEU A 31 -7.73 3.42 -2.49
C LEU A 31 -8.41 2.08 -2.24
N ARG A 32 -9.29 1.67 -3.15
CA ARG A 32 -9.93 0.36 -3.07
C ARG A 32 -8.91 -0.78 -3.07
N GLU A 33 -7.95 -0.69 -4.00
CA GLU A 33 -6.87 -1.67 -4.11
C GLU A 33 -6.04 -1.78 -2.84
N LEU A 34 -5.72 -0.64 -2.24
CA LEU A 34 -4.88 -0.64 -1.04
C LEU A 34 -5.65 -1.10 0.22
N ILE A 35 -6.93 -0.78 0.28
CA ILE A 35 -7.75 -1.24 1.38
C ILE A 35 -7.95 -2.73 1.25
N SER A 36 -8.07 -3.20 0.01
CA SER A 36 -8.19 -4.62 -0.26
C SER A 36 -6.95 -5.40 0.18
N ASN A 37 -5.77 -4.91 -0.18
CA ASN A 37 -4.52 -5.53 0.29
C ASN A 37 -4.41 -5.49 1.81
N ALA A 38 -4.85 -4.38 2.40
CA ALA A 38 -4.83 -4.23 3.85
C ALA A 38 -5.69 -5.32 4.48
N SER A 39 -6.92 -5.45 3.96
CA SER A 39 -7.87 -6.45 4.44
C SER A 39 -7.32 -7.87 4.33
N ASP A 40 -6.70 -8.18 3.18
CA ASP A 40 -6.06 -9.48 3.00
C ASP A 40 -4.92 -9.75 4.00
N ALA A 41 -4.11 -8.74 4.27
CA ALA A 41 -3.00 -8.91 5.20
C ALA A 41 -3.54 -9.18 6.60
N LEU A 42 -4.67 -8.54 6.93
CA LEU A 42 -5.34 -8.77 8.21
C LEU A 42 -5.96 -10.19 8.28
N ASP A 43 -6.58 -10.63 7.18
CA ASP A 43 -7.08 -12.00 7.10
C ASP A 43 -5.95 -12.96 7.44
N LYS A 44 -4.76 -12.69 6.91
CA LYS A 44 -3.64 -13.60 7.07
C LYS A 44 -3.15 -13.73 8.51
N ILE A 45 -2.98 -12.62 9.24
CA ILE A 45 -2.60 -12.72 10.64
C ILE A 45 -3.72 -13.36 11.48
N ARG A 46 -4.97 -13.09 11.12
CA ARG A 46 -6.10 -13.65 11.83
C ARG A 46 -6.15 -15.17 11.60
N TYR A 47 -5.98 -15.58 10.35
CA TYR A 47 -5.88 -17.00 10.05
C TYR A 47 -4.69 -17.71 10.71
N LYS A 48 -3.50 -17.10 10.63
CA LYS A 48 -2.34 -17.65 11.32
C LYS A 48 -2.57 -17.81 12.81
N SER A 49 -3.29 -16.85 13.40
CA SER A 49 -3.49 -16.81 14.85
CA SER A 49 -3.45 -16.83 14.85
C SER A 49 -4.41 -17.91 15.34
N LEU A 50 -5.16 -18.53 14.42
CA LEU A 50 -6.04 -19.64 14.79
C LEU A 50 -5.25 -20.74 15.50
N SER A 51 -4.00 -20.94 15.08
CA SER A 51 -3.19 -22.03 15.62
C SER A 51 -1.98 -21.49 16.38
N ASP A 52 -1.87 -20.17 16.43
CA ASP A 52 -0.75 -19.50 17.08
C ASP A 52 -1.26 -18.16 17.57
N PRO A 53 -2.06 -18.20 18.64
CA PRO A 53 -2.79 -17.02 19.13
C PRO A 53 -1.87 -15.89 19.56
N LYS A 54 -0.70 -16.20 20.08
CA LYS A 54 0.17 -15.14 20.57
C LYS A 54 0.75 -14.26 19.45
N GLN A 55 0.54 -14.67 18.20
CA GLN A 55 0.94 -13.84 17.05
C GLN A 55 0.19 -12.50 17.04
N LEU A 56 -0.94 -12.48 17.74
CA LEU A 56 -1.78 -11.28 17.79
C LEU A 56 -1.33 -10.28 18.83
N GLU A 57 -0.56 -10.74 19.82
CA GLU A 57 -0.25 -9.93 21.01
C GLU A 57 0.58 -8.69 20.74
N THR A 58 1.34 -8.70 19.64
CA THR A 58 2.14 -7.54 19.26
C THR A 58 1.26 -6.36 18.86
N GLU A 59 -0.01 -6.65 18.59
CA GLU A 59 -1.00 -5.63 18.24
C GLU A 59 -2.36 -6.30 18.15
N PRO A 60 -3.06 -6.38 19.28
CA PRO A 60 -4.30 -7.15 19.32
C PRO A 60 -5.45 -6.53 18.53
N ASP A 61 -5.37 -5.24 18.22
CA ASP A 61 -6.43 -4.59 17.46
C ASP A 61 -6.23 -4.72 15.95
N LEU A 62 -7.28 -5.19 15.28
CA LEU A 62 -7.28 -5.43 13.85
C LEU A 62 -8.03 -4.30 13.15
N PHE A 63 -7.30 -3.48 12.40
CA PHE A 63 -7.89 -2.27 11.85
C PHE A 63 -7.19 -1.86 10.57
N ILE A 64 -7.86 -1.01 9.80
CA ILE A 64 -7.32 -0.33 8.66
C ILE A 64 -7.49 1.15 9.04
N ARG A 65 -6.44 1.95 8.83
CA ARG A 65 -6.46 3.34 9.27
C ARG A 65 -5.88 4.23 8.16
N ILE A 66 -6.57 5.32 7.86
CA ILE A 66 -6.15 6.23 6.81
C ILE A 66 -5.82 7.58 7.45
N THR A 67 -4.61 8.08 7.20
CA THR A 67 -4.14 9.30 7.84
C THR A 67 -3.57 10.31 6.85
N PRO A 68 -4.35 11.34 6.49
CA PRO A 68 -3.88 12.47 5.70
C PRO A 68 -2.84 13.29 6.47
N LYS A 69 -1.74 13.63 5.81
CA LYS A 69 -0.74 14.54 6.39
C LYS A 69 -0.50 15.68 5.41
N PRO A 70 -1.44 16.64 5.40
CA PRO A 70 -1.51 17.74 4.42
C PRO A 70 -0.18 18.45 4.24
N GLU A 71 0.49 18.81 5.32
CA GLU A 71 1.72 19.59 5.21
C GLU A 71 2.77 18.87 4.37
N GLN A 72 2.87 17.56 4.57
CA GLN A 72 3.83 16.76 3.83
C GLN A 72 3.29 16.28 2.49
N LYS A 73 2.03 16.60 2.21
CA LYS A 73 1.34 16.08 1.03
C LYS A 73 1.44 14.57 1.00
N VAL A 74 1.16 13.97 2.15
CA VAL A 74 1.25 12.53 2.30
C VAL A 74 -0.08 11.94 2.72
N LEU A 75 -0.36 10.74 2.22
CA LEU A 75 -1.50 9.97 2.64
C LEU A 75 -1.02 8.61 3.11
N GLU A 76 -1.35 8.24 4.33
CA GLU A 76 -0.94 6.94 4.85
C GLU A 76 -2.11 5.98 4.95
N ILE A 77 -1.89 4.76 4.49
CA ILE A 77 -2.85 3.70 4.67
C ILE A 77 -2.19 2.62 5.50
N ARG A 78 -2.71 2.45 6.72
CA ARG A 78 -2.12 1.55 7.69
C ARG A 78 -3.01 0.35 7.99
N ASP A 79 -2.41 -0.81 8.21
CA ASP A 79 -3.17 -1.93 8.73
C ASP A 79 -2.34 -2.65 9.78
N SER A 80 -3.01 -3.43 10.62
CA SER A 80 -2.32 -4.23 11.64
C SER A 80 -2.31 -5.70 11.21
N GLY A 81 -2.13 -5.92 9.92
CA GLY A 81 -2.09 -7.27 9.39
C GLY A 81 -0.78 -7.98 9.67
N ILE A 82 -0.49 -8.99 8.87
CA ILE A 82 0.63 -9.87 9.11
C ILE A 82 2.00 -9.18 8.96
N GLY A 83 2.07 -8.13 8.15
CA GLY A 83 3.33 -7.42 7.94
C GLY A 83 4.30 -8.18 7.06
N MET A 84 5.47 -7.59 6.80
CA MET A 84 6.47 -8.23 5.94
C MET A 84 7.87 -8.12 6.55
N THR A 85 8.63 -9.21 6.52
CA THR A 85 10.01 -9.19 6.93
C THR A 85 10.81 -8.45 5.84
N LYS A 86 12.08 -8.18 6.10
CA LYS A 86 12.93 -7.57 5.11
C LYS A 86 12.91 -8.37 3.79
N ALA A 87 13.08 -9.68 3.90
CA ALA A 87 13.11 -10.55 2.73
C ALA A 87 11.77 -10.58 1.99
N GLU A 88 10.67 -10.45 2.72
CA GLU A 88 9.35 -10.41 2.08
C GLU A 88 9.16 -9.12 1.32
N LEU A 89 9.64 -8.00 1.89
CA LEU A 89 9.55 -6.71 1.20
C LEU A 89 10.27 -6.76 -0.14
N ILE A 90 11.51 -7.24 -0.10
CA ILE A 90 12.33 -7.43 -1.29
C ILE A 90 11.66 -8.35 -2.31
N ASN A 91 11.17 -9.50 -1.83
CA ASN A 91 10.57 -10.50 -2.70
C ASN A 91 9.21 -10.08 -3.26
N ASN A 92 8.29 -9.74 -2.36
CA ASN A 92 6.91 -9.43 -2.70
C ASN A 92 6.71 -8.17 -3.51
N LEU A 93 7.57 -7.17 -3.30
CA LEU A 93 7.31 -5.85 -3.87
C LEU A 93 8.19 -5.49 -5.07
N GLY A 94 9.28 -6.20 -5.28
CA GLY A 94 10.19 -5.76 -6.35
C GLY A 94 10.87 -6.79 -7.22
N THR A 95 11.65 -7.66 -6.60
CA THR A 95 12.54 -8.53 -7.35
C THR A 95 11.84 -9.72 -8.00
N ILE A 96 10.59 -9.99 -7.59
CA ILE A 96 9.85 -11.10 -8.17
C ILE A 96 8.35 -10.83 -8.28
N ALA A 97 7.58 -11.54 -7.45
CA ALA A 97 6.10 -11.63 -7.52
C ALA A 97 5.46 -10.88 -8.71
N LYS A 98 5.52 -11.51 -9.87
CA LYS A 98 5.17 -10.85 -11.12
C LYS A 98 4.01 -11.51 -11.88
N SER A 99 3.85 -11.11 -13.14
CA SER A 99 2.71 -11.46 -14.01
C SER A 99 1.81 -12.59 -13.51
N GLY A 100 0.54 -12.28 -13.20
CA GLY A 100 -0.02 -10.94 -13.16
C GLY A 100 0.48 -9.76 -13.99
N THR A 101 1.67 -9.29 -13.67
CA THR A 101 2.22 -8.07 -14.24
C THR A 101 2.11 -7.97 -15.76
N LYS A 102 2.72 -8.93 -16.45
CA LYS A 102 2.75 -8.90 -17.91
C LYS A 102 1.36 -9.07 -18.51
N ALA A 103 0.58 -10.00 -17.96
CA ALA A 103 -0.76 -10.27 -18.45
C ALA A 103 -1.68 -9.03 -18.29
N PHE A 104 -1.51 -8.29 -17.21
CA PHE A 104 -2.29 -7.08 -16.99
C PHE A 104 -1.95 -6.00 -18.02
N MET A 105 -0.66 -5.86 -18.31
CA MET A 105 -0.23 -4.90 -19.31
C MET A 105 -0.78 -5.26 -20.70
N GLU A 106 -0.82 -6.55 -21.00
CA GLU A 106 -1.44 -7.01 -22.23
C GLU A 106 -2.93 -6.71 -22.26
N ALA A 107 -3.61 -6.95 -21.14
CA ALA A 107 -5.04 -6.63 -21.07
C ALA A 107 -5.26 -5.13 -21.26
N LEU A 108 -4.40 -4.32 -20.65
CA LEU A 108 -4.46 -2.87 -20.82
C LEU A 108 -4.37 -2.46 -22.28
N SER A 109 -3.35 -2.96 -22.97
CA SER A 109 -3.17 -2.65 -24.39
C SER A 109 -4.41 -2.97 -25.21
N ALA A 110 -5.13 -4.02 -24.83
CA ALA A 110 -6.31 -4.46 -25.58
C ALA A 110 -7.55 -3.63 -25.24
N GLY A 111 -7.48 -2.84 -24.18
CA GLY A 111 -8.57 -1.94 -23.83
C GLY A 111 -9.15 -2.09 -22.43
N ALA A 112 -8.58 -3.01 -21.64
CA ALA A 112 -9.10 -3.30 -20.31
C ALA A 112 -9.02 -2.07 -19.42
N ASP A 113 -9.97 -1.96 -18.49
CA ASP A 113 -9.96 -0.87 -17.55
C ASP A 113 -8.86 -1.06 -16.51
N VAL A 114 -8.17 0.02 -16.16
CA VAL A 114 -7.11 -0.07 -15.17
CA VAL A 114 -7.12 -0.04 -15.15
C VAL A 114 -7.67 -0.61 -13.85
N SER A 115 -8.98 -0.47 -13.66
CA SER A 115 -9.60 -0.96 -12.43
C SER A 115 -9.54 -2.49 -12.29
N MET A 116 -9.24 -3.19 -13.39
CA MET A 116 -9.07 -4.64 -13.32
C MET A 116 -7.77 -5.06 -12.64
N ILE A 117 -6.92 -4.07 -12.34
CA ILE A 117 -5.56 -4.35 -11.89
C ILE A 117 -5.50 -5.33 -10.70
N GLY A 118 -6.46 -5.23 -9.79
CA GLY A 118 -6.50 -6.11 -8.64
C GLY A 118 -6.83 -7.55 -8.96
N GLN A 119 -7.53 -7.76 -10.08
CA GLN A 119 -7.87 -9.11 -10.52
C GLN A 119 -6.65 -9.80 -11.13
N PHE A 120 -5.63 -9.01 -11.47
CA PHE A 120 -4.36 -9.56 -11.92
C PHE A 120 -3.35 -9.64 -10.79
N GLY A 121 -3.73 -9.18 -9.61
CA GLY A 121 -2.93 -9.37 -8.41
C GLY A 121 -1.79 -8.38 -8.25
N VAL A 122 -1.89 -7.24 -8.91
CA VAL A 122 -0.82 -6.25 -8.88
C VAL A 122 -1.39 -4.87 -8.53
N GLY A 123 -2.49 -4.87 -7.80
CA GLY A 123 -3.19 -3.65 -7.45
C GLY A 123 -2.38 -2.66 -6.63
N PHE A 124 -1.39 -3.17 -5.90
CA PHE A 124 -0.46 -2.31 -5.17
C PHE A 124 0.06 -1.17 -6.02
N TYR A 125 0.46 -1.50 -7.26
CA TYR A 125 1.09 -0.50 -8.13
C TYR A 125 0.12 0.59 -8.60
N SER A 126 -1.17 0.42 -8.32
CA SER A 126 -2.16 1.43 -8.66
C SER A 126 -1.94 2.73 -7.88
N LEU A 127 -1.10 2.66 -6.85
CA LEU A 127 -0.84 3.82 -6.02
C LEU A 127 -0.12 4.91 -6.82
N PHE A 128 0.50 4.52 -7.94
CA PHE A 128 1.25 5.47 -8.75
C PHE A 128 0.32 6.33 -9.62
N LEU A 129 -0.95 5.99 -9.61
CA LEU A 129 -1.96 6.86 -10.23
C LEU A 129 -1.98 8.22 -9.52
N VAL A 130 -1.79 8.23 -8.21
CA VAL A 130 -1.91 9.48 -7.44
C VAL A 130 -0.64 9.93 -6.73
N ALA A 131 0.36 9.06 -6.70
CA ALA A 131 1.60 9.33 -5.98
C ALA A 131 2.79 9.10 -6.90
N ASP A 132 3.84 9.90 -6.73
CA ASP A 132 5.06 9.71 -7.51
C ASP A 132 6.17 9.07 -6.66
N ARG A 133 5.87 8.83 -5.40
CA ARG A 133 6.83 8.21 -4.49
C ARG A 133 6.05 7.49 -3.41
N VAL A 134 6.59 6.39 -2.90
CA VAL A 134 5.94 5.61 -1.83
C VAL A 134 6.98 4.99 -0.89
N GLN A 135 6.69 5.03 0.40
CA GLN A 135 7.44 4.27 1.39
C GLN A 135 6.49 3.23 1.98
N VAL A 136 6.93 1.97 1.96
CA VAL A 136 6.18 0.90 2.61
C VAL A 136 6.91 0.55 3.89
N ILE A 137 6.28 0.85 5.03
CA ILE A 137 6.87 0.62 6.33
C ILE A 137 6.20 -0.60 6.92
N SER A 138 6.99 -1.61 7.28
CA SER A 138 6.39 -2.86 7.68
C SER A 138 7.09 -3.53 8.85
N LYS A 139 6.27 -4.09 9.73
CA LYS A 139 6.75 -4.86 10.85
C LYS A 139 6.03 -6.20 10.89
N SER A 140 6.78 -7.26 10.61
CA SER A 140 6.30 -8.62 10.82
C SER A 140 6.77 -9.07 12.19
N ASN A 141 5.99 -9.91 12.86
CA ASN A 141 6.43 -10.52 14.11
C ASN A 141 7.79 -11.17 13.95
N ASP A 142 8.12 -11.55 12.71
CA ASP A 142 9.33 -12.33 12.42
C ASP A 142 10.59 -11.50 12.15
N ASP A 143 10.48 -10.18 12.12
CA ASP A 143 11.61 -9.34 11.76
C ASP A 143 11.52 -7.97 12.43
N GLU A 144 12.57 -7.17 12.28
CA GLU A 144 12.59 -5.78 12.71
C GLU A 144 11.71 -4.95 11.78
N GLN A 145 11.46 -3.70 12.14
CA GLN A 145 10.73 -2.80 11.27
C GLN A 145 11.64 -2.29 10.13
N TYR A 146 11.11 -2.30 8.92
CA TYR A 146 11.86 -1.92 7.72
C TYR A 146 11.07 -0.97 6.83
N ILE A 147 11.80 -0.16 6.07
CA ILE A 147 11.23 0.76 5.10
C ILE A 147 11.68 0.37 3.70
N TRP A 148 10.71 0.11 2.82
CA TRP A 148 10.95 -0.14 1.40
C TRP A 148 10.51 1.14 0.69
N GLU A 149 11.31 1.63 -0.25
CA GLU A 149 10.99 2.91 -0.88
C GLU A 149 11.20 2.88 -2.39
N SER A 150 10.26 3.47 -3.11
CA SER A 150 10.31 3.50 -4.57
C SER A 150 9.76 4.81 -5.14
N ASN A 151 10.38 5.29 -6.23
CA ASN A 151 9.86 6.43 -6.99
C ASN A 151 9.46 6.02 -8.40
N ALA A 152 9.01 4.78 -8.57
CA ALA A 152 8.65 4.21 -9.87
C ALA A 152 9.83 4.00 -10.82
N GLY A 153 11.05 4.21 -10.33
CA GLY A 153 12.23 3.95 -11.13
C GLY A 153 12.51 2.45 -11.15
N GLY A 154 13.63 2.07 -11.75
CA GLY A 154 13.99 0.67 -11.87
C GLY A 154 14.56 0.05 -10.60
N SER A 155 14.80 0.88 -9.58
CA SER A 155 15.39 0.37 -8.34
C SER A 155 14.64 0.86 -7.10
N PHE A 156 14.66 0.06 -6.05
CA PHE A 156 14.07 0.47 -4.78
C PHE A 156 15.09 0.27 -3.66
N THR A 157 14.85 0.92 -2.53
CA THR A 157 15.71 0.73 -1.37
C THR A 157 14.94 0.04 -0.25
N VAL A 158 15.69 -0.68 0.58
CA VAL A 158 15.19 -1.25 1.83
C VAL A 158 16.15 -0.80 2.94
N THR A 159 15.59 -0.23 3.99
CA THR A 159 16.38 0.34 5.08
C THR A 159 15.78 -0.06 6.42
N LEU A 160 16.63 -0.53 7.34
CA LEU A 160 16.22 -0.74 8.73
C LEU A 160 15.63 0.56 9.27
N ASP A 161 14.44 0.47 9.87
CA ASP A 161 13.69 1.67 10.23
C ASP A 161 14.08 2.22 11.59
N GLU A 162 14.75 3.37 11.59
CA GLU A 162 15.08 4.05 12.83
C GLU A 162 14.52 5.47 12.84
N VAL A 163 13.51 5.73 12.01
CA VAL A 163 13.00 7.09 11.87
C VAL A 163 11.49 7.25 12.00
N ASN A 164 10.74 6.16 11.90
CA ASN A 164 9.28 6.20 11.98
C ASN A 164 8.74 5.66 13.29
N GLU A 165 7.49 5.98 13.59
CA GLU A 165 6.83 5.44 14.76
C GLU A 165 6.90 3.92 14.71
N ARG A 166 6.99 3.29 15.87
CA ARG A 166 6.92 1.84 15.92
C ARG A 166 5.50 1.41 15.62
N ILE A 167 5.33 0.44 14.73
CA ILE A 167 4.05 -0.21 14.65
C ILE A 167 4.20 -1.54 15.37
N GLY A 168 3.17 -1.95 16.10
CA GLY A 168 3.26 -3.20 16.82
C GLY A 168 3.46 -4.29 15.79
N ARG A 169 2.61 -4.26 14.77
CA ARG A 169 2.65 -5.25 13.71
C ARG A 169 1.85 -4.69 12.55
N GLY A 170 2.30 -4.94 11.32
CA GLY A 170 1.51 -4.59 10.16
C GLY A 170 2.30 -3.73 9.18
N THR A 171 1.58 -2.89 8.46
CA THR A 171 2.19 -2.20 7.33
C THR A 171 1.57 -0.82 7.15
N ILE A 172 2.41 0.14 6.79
CA ILE A 172 1.95 1.46 6.41
C ILE A 172 2.41 1.73 4.98
N LEU A 173 1.48 2.10 4.11
CA LEU A 173 1.81 2.64 2.81
C LEU A 173 1.77 4.16 2.93
N ARG A 174 2.94 4.77 2.83
CA ARG A 174 3.05 6.21 2.91
C ARG A 174 3.15 6.74 1.49
N LEU A 175 2.07 7.34 1.00
CA LEU A 175 2.01 7.84 -0.37
C LEU A 175 2.35 9.32 -0.39
N PHE A 176 3.34 9.68 -1.19
CA PHE A 176 3.66 11.07 -1.47
C PHE A 176 2.89 11.52 -2.69
N LEU A 177 1.79 12.22 -2.45
CA LEU A 177 0.83 12.53 -3.49
C LEU A 177 1.39 13.50 -4.53
N LYS A 178 1.00 13.31 -5.79
CA LYS A 178 1.31 14.27 -6.85
C LYS A 178 0.62 15.60 -6.53
N ASP A 179 1.17 16.70 -7.04
CA ASP A 179 0.65 18.03 -6.75
C ASP A 179 -0.80 18.26 -7.17
N ASP A 180 -1.25 17.55 -8.19
CA ASP A 180 -2.60 17.70 -8.68
C ASP A 180 -3.56 16.68 -8.06
N GLN A 181 -3.06 15.91 -7.09
CA GLN A 181 -3.86 14.83 -6.50
C GLN A 181 -4.08 15.04 -5.01
N LEU A 182 -3.97 16.29 -4.58
CA LEU A 182 -4.05 16.61 -3.16
C LEU A 182 -5.45 16.51 -2.59
N GLU A 183 -6.42 16.22 -3.45
CA GLU A 183 -7.80 16.09 -3.00
C GLU A 183 -7.95 14.88 -2.08
N TYR A 184 -7.03 13.93 -2.19
CA TYR A 184 -7.10 12.72 -1.38
C TYR A 184 -6.57 12.95 0.05
N LEU A 185 -6.22 14.19 0.34
CA LEU A 185 -5.90 14.59 1.70
C LEU A 185 -7.18 15.06 2.40
N GLU A 186 -8.23 15.26 1.63
CA GLU A 186 -9.46 15.87 2.15
C GLU A 186 -10.45 14.88 2.73
N GLU A 187 -10.88 15.15 3.96
CA GLU A 187 -11.77 14.24 4.67
C GLU A 187 -12.98 13.81 3.83
N LYS A 188 -13.68 14.78 3.26
CA LYS A 188 -14.90 14.48 2.51
C LYS A 188 -14.62 13.63 1.27
N ARG A 189 -13.59 14.00 0.50
CA ARG A 189 -13.20 13.24 -0.67
C ARG A 189 -12.84 11.78 -0.31
N ILE A 190 -11.99 11.63 0.71
CA ILE A 190 -11.61 10.31 1.19
C ILE A 190 -12.81 9.46 1.60
N LYS A 191 -13.67 10.03 2.44
CA LYS A 191 -14.92 9.38 2.85
C LYS A 191 -15.77 8.92 1.67
N GLU A 192 -15.94 9.81 0.69
CA GLU A 192 -16.74 9.49 -0.49
C GLU A 192 -16.17 8.29 -1.22
N VAL A 193 -14.86 8.28 -1.43
CA VAL A 193 -14.22 7.20 -2.18
C VAL A 193 -14.32 5.85 -1.43
N ILE A 194 -14.08 5.87 -0.13
CA ILE A 194 -14.16 4.66 0.69
C ILE A 194 -15.52 4.02 0.63
N LYS A 195 -16.56 4.83 0.86
CA LYS A 195 -17.93 4.33 0.92
C LYS A 195 -18.37 3.70 -0.40
N ARG A 196 -17.74 4.13 -1.48
CA ARG A 196 -18.16 3.71 -2.81
C ARG A 196 -17.74 2.28 -3.16
N HIS A 197 -16.52 1.89 -2.81
CA HIS A 197 -16.00 0.63 -3.32
C HIS A 197 -15.54 -0.31 -2.23
N SER A 198 -16.00 -0.07 -1.00
CA SER A 198 -15.61 -0.89 0.14
C SER A 198 -16.72 -0.93 1.21
N GLU A 199 -17.78 -1.68 0.94
CA GLU A 199 -18.92 -1.88 1.84
C GLU A 199 -18.78 -3.18 2.63
N PHE A 200 -18.09 -4.14 2.03
CA PHE A 200 -17.93 -5.47 2.61
C PHE A 200 -16.51 -5.70 3.09
N VAL A 201 -15.96 -4.73 3.81
CA VAL A 201 -14.68 -4.88 4.47
C VAL A 201 -14.96 -5.27 5.90
N ALA A 202 -14.37 -6.39 6.34
CA ALA A 202 -14.70 -6.94 7.64
C ALA A 202 -14.07 -6.18 8.81
N TYR A 203 -13.15 -5.27 8.51
CA TYR A 203 -12.42 -4.57 9.56
C TYR A 203 -12.83 -3.11 9.62
N PRO A 204 -12.70 -2.51 10.81
CA PRO A 204 -12.97 -1.08 10.93
C PRO A 204 -12.02 -0.33 10.00
N ILE A 205 -12.56 0.62 9.24
CA ILE A 205 -11.75 1.55 8.48
C ILE A 205 -11.77 2.88 9.21
N GLN A 206 -10.65 3.24 9.81
CA GLN A 206 -10.57 4.46 10.60
C GLN A 206 -9.95 5.61 9.81
N LEU A 207 -10.62 6.75 9.87
CA LEU A 207 -10.10 7.97 9.26
C LEU A 207 -9.61 8.89 10.36
N VAL A 208 -8.36 9.32 10.25
CA VAL A 208 -7.77 10.19 11.24
C VAL A 208 -7.87 11.62 10.76
N VAL A 209 -8.63 12.42 11.50
CA VAL A 209 -8.89 13.80 11.12
C VAL A 209 -8.34 14.79 12.13
N THR A 210 -7.72 15.85 11.62
CA THR A 210 -7.20 16.90 12.47
C THR A 210 -8.13 18.11 12.45
N LYS A 211 -8.71 18.42 13.60
CA LYS A 211 -9.64 19.51 13.72
C LYS A 211 -9.15 20.58 14.69
N GLU A 212 -9.14 21.82 14.25
CA GLU A 212 -8.76 22.92 15.12
C GLU A 212 -9.89 23.19 16.11
N VAL A 213 -9.55 23.26 17.39
CA VAL A 213 -10.53 23.57 18.41
C VAL A 213 -10.73 25.07 18.46
N GLU A 214 -11.99 25.50 18.57
CA GLU A 214 -12.30 26.92 18.65
C GLU A 214 -13.32 27.21 19.76
C1 XD6 B . 1.16 -6.83 3.53
C2 XD6 B . 0.65 -5.65 2.76
C3 XD6 B . -0.30 -4.68 3.48
C4 XD6 B . -0.87 -3.51 2.74
C5 XD6 B . -0.51 -3.32 1.35
C6 XD6 B . 0.48 -4.34 0.64
C7 XD6 B . 1.02 -5.46 1.35
C8 XD6 B . 1.96 -6.43 0.64
C9 XD6 B . 1.35 -7.26 -0.47
C10 XD6 B . 2.26 -7.94 -1.47
C11 XD6 B . 1.89 -9.32 -1.99
C12 XD6 B . 1.71 -10.46 -0.99
C13 XD6 B . 0.29 -10.79 -0.51
C14 XD6 B . 0.04 -10.79 0.98
C15 XD6 B . 1.13 -10.74 1.83
C16 XD6 B . 0.91 -10.44 3.25
C17 XD6 B . 1.43 -9.13 3.74
O1 XD6 B . 1.07 -7.99 2.99
O2 XD6 B . 1.75 -6.63 4.62
O3 XD6 B . -0.59 -4.91 4.81
O4 XD6 B . -1.03 -2.28 0.61
CL1 XD6 B . 0.91 -4.00 -0.99
O5 XD6 B . 0.12 -7.44 -0.49
C21 XD6 B . -1.40 -10.66 1.62
O22 XD6 B . -2.53 -11.04 0.89
C1 GOL C . -3.92 -8.98 -4.26
C1 GOL C . -1.58 -9.18 -3.94
O1 GOL C . -4.55 -9.63 -5.33
O1 GOL C . -0.88 -10.02 -4.82
C2 GOL C . -2.81 -9.84 -3.64
C2 GOL C . -2.95 -9.79 -3.63
O2 GOL C . -2.92 -9.81 -2.23
O2 GOL C . -3.82 -9.64 -4.72
C3 GOL C . -1.44 -9.32 -4.06
C3 GOL C . -3.54 -9.11 -2.39
O3 GOL C . -0.77 -10.29 -4.82
O3 GOL C . -3.51 -9.99 -1.30
C1 GOL D . 6.12 -13.50 17.27
O1 GOL D . 6.51 -14.77 16.83
C2 GOL D . 5.34 -13.59 18.59
O2 GOL D . 4.22 -14.43 18.42
C3 GOL D . 4.91 -12.19 19.02
O3 GOL D . 3.66 -12.22 19.67
C1 GOL E . -10.64 -4.55 -6.63
O1 GOL E . -10.07 -4.79 -7.89
C2 GOL E . -10.20 -5.63 -5.66
O2 GOL E . -8.79 -5.69 -5.61
C3 GOL E . -10.75 -6.98 -6.12
O3 GOL E . -9.71 -7.93 -6.13
C1 GOL F . -0.96 14.82 10.87
O1 GOL F . -1.67 16.02 10.69
C2 GOL F . -1.91 13.73 11.34
O2 GOL F . -2.92 14.30 12.12
C3 GOL F . -1.14 12.65 12.12
O3 GOL F . -1.86 12.21 13.25
#